data_7AOG
#
_entry.id   7AOG
#
_cell.length_a   82.426
_cell.length_b   112.058
_cell.length_c   62.649
_cell.angle_alpha   90.000
_cell.angle_beta   90.000
_cell.angle_gamma   90.000
#
_symmetry.space_group_name_H-M   'C 2 2 21'
#
loop_
_entity.id
_entity.type
_entity.pdbx_description
1 polymer '14-3-3 protein sigma'
2 polymer 'Peptidyl-prolyl cis-trans isomerase NIMA-interacting 1'
3 non-polymer 'CALCIUM ION'
4 non-polymer 'CHLORIDE ION'
5 water water
#
loop_
_entity_poly.entity_id
_entity_poly.type
_entity_poly.pdbx_seq_one_letter_code
_entity_poly.pdbx_strand_id
1 'polypeptide(L)'
;GAMGSMERASLIQKAKLAEQAERYEDMAAFMKGAVEKGEELS(CSO)EERNLLSVAYKNVVGGQRAAWRVLSSIEQKSNE
EGSEEKGPEVREYREKVETELQGVCDTVLGLLDSHLIKEAGDAESRVFYLKMKGDYYRYLAEVATGDDKKRIIDSARSAY
QEAMDISKKEMPPTNPIRLGLALNFSVFHYEIANSPEEAISLAKTTFDEAMADLHTLSEDSYKDSTLIMQLLRDNLTLWT
ADNAGEEGGEAPQEPQS
;
A
2 'polypeptide(L)' LVKHSQSRRPS(SEP)WRQEK P
#
# COMPACT_ATOMS: atom_id res chain seq x y z
N GLY A 1 -6.57 12.87 -19.34
CA GLY A 1 -7.38 13.16 -20.54
C GLY A 1 -8.42 12.10 -20.84
N ALA A 2 -8.23 10.90 -20.30
CA ALA A 2 -9.31 9.92 -20.31
C ALA A 2 -10.56 10.52 -19.67
N MET A 3 -10.38 11.16 -18.52
CA MET A 3 -11.44 11.84 -17.79
C MET A 3 -11.32 13.35 -17.93
N GLY A 4 -10.57 13.80 -18.93
CA GLY A 4 -10.28 15.21 -19.04
C GLY A 4 -11.50 16.10 -19.23
N SER A 5 -12.58 15.55 -19.77
CA SER A 5 -13.77 16.37 -19.99
C SER A 5 -14.73 16.38 -18.82
N MET A 6 -14.49 15.60 -17.77
CA MET A 6 -15.40 15.57 -16.63
C MET A 6 -14.92 16.50 -15.53
N GLU A 7 -15.87 17.20 -14.91
CA GLU A 7 -15.57 18.09 -13.78
C GLU A 7 -14.89 17.33 -12.64
N ARG A 8 -13.96 18.01 -11.98
CA ARG A 8 -13.32 17.41 -10.81
C ARG A 8 -14.35 16.93 -9.79
N ALA A 9 -15.33 17.78 -9.46
CA ALA A 9 -16.29 17.40 -8.44
C ALA A 9 -17.12 16.20 -8.87
N SER A 10 -17.42 16.10 -10.17
CA SER A 10 -18.18 14.96 -10.68
C SER A 10 -17.36 13.68 -10.61
N LEU A 11 -16.05 13.78 -10.86
CA LEU A 11 -15.17 12.62 -10.71
C LEU A 11 -15.13 12.13 -9.27
N ILE A 12 -15.03 13.05 -8.31
CA ILE A 12 -15.05 12.66 -6.89
C ILE A 12 -16.39 12.04 -6.53
N GLN A 13 -17.49 12.65 -6.98
CA GLN A 13 -18.80 12.09 -6.70
C GLN A 13 -18.93 10.68 -7.25
N LYS A 14 -18.48 10.47 -8.50
CA LYS A 14 -18.58 9.15 -9.10
C LYS A 14 -17.64 8.15 -8.44
N ALA A 15 -16.48 8.58 -7.97
CA ALA A 15 -15.62 7.68 -7.21
C ALA A 15 -16.36 7.15 -5.99
N LYS A 16 -17.11 8.02 -5.29
CA LYS A 16 -17.85 7.58 -4.12
C LYS A 16 -18.94 6.60 -4.50
N LEU A 17 -19.62 6.84 -5.62
CA LEU A 17 -20.66 5.92 -6.10
C LEU A 17 -20.04 4.58 -6.49
N ALA A 18 -18.89 4.63 -7.15
CA ALA A 18 -18.21 3.40 -7.54
C ALA A 18 -17.81 2.58 -6.31
N GLU A 19 -17.33 3.24 -5.26
CA GLU A 19 -17.04 2.54 -4.01
C GLU A 19 -18.29 1.82 -3.50
N GLN A 20 -19.43 2.51 -3.47
CA GLN A 20 -20.65 1.90 -2.95
C GLN A 20 -21.06 0.71 -3.79
N ALA A 21 -20.80 0.76 -5.10
CA ALA A 21 -21.12 -0.31 -6.03
C ALA A 21 -20.04 -1.37 -6.13
N GLU A 22 -18.96 -1.24 -5.34
CA GLU A 22 -17.83 -2.15 -5.38
C GLU A 22 -17.20 -2.26 -6.77
N ARG A 23 -17.16 -1.13 -7.48
CA ARG A 23 -16.60 -1.04 -8.83
C ARG A 23 -15.27 -0.32 -8.69
N TYR A 24 -14.25 -1.05 -8.22
CA TYR A 24 -13.01 -0.40 -7.82
C TYR A 24 -12.13 0.03 -8.99
N GLU A 25 -12.18 -0.69 -10.11
N GLU A 25 -12.19 -0.69 -10.11
CA GLU A 25 -11.49 -0.22 -11.31
CA GLU A 25 -11.49 -0.22 -11.30
C GLU A 25 -12.03 1.14 -11.74
C GLU A 25 -12.04 1.13 -11.75
N ASP A 26 -13.37 1.27 -11.77
CA ASP A 26 -13.97 2.57 -12.10
C ASP A 26 -13.54 3.61 -11.07
N MET A 27 -13.61 3.24 -9.79
CA MET A 27 -13.24 4.17 -8.73
C MET A 27 -11.84 4.70 -8.93
N ALA A 28 -10.89 3.81 -9.25
CA ALA A 28 -9.51 4.22 -9.46
C ALA A 28 -9.38 5.13 -10.67
N ALA A 29 -10.09 4.81 -11.77
CA ALA A 29 -10.01 5.68 -12.93
C ALA A 29 -10.58 7.07 -12.64
N PHE A 30 -11.69 7.15 -11.89
CA PHE A 30 -12.24 8.45 -11.52
C PHE A 30 -11.25 9.23 -10.68
N MET A 31 -10.60 8.57 -9.71
CA MET A 31 -9.67 9.28 -8.85
C MET A 31 -8.39 9.67 -9.59
N LYS A 32 -7.92 8.84 -10.53
CA LYS A 32 -6.82 9.24 -11.40
C LYS A 32 -7.19 10.52 -12.16
N GLY A 33 -8.40 10.55 -12.72
CA GLY A 33 -8.83 11.76 -13.40
C GLY A 33 -8.84 12.96 -12.48
N ALA A 34 -9.32 12.79 -11.24
CA ALA A 34 -9.33 13.90 -10.30
C ALA A 34 -7.91 14.38 -9.99
N VAL A 35 -6.99 13.47 -9.76
CA VAL A 35 -5.59 13.87 -9.52
C VAL A 35 -5.08 14.67 -10.71
N GLU A 36 -5.35 14.22 -11.92
CA GLU A 36 -4.81 14.85 -13.11
C GLU A 36 -5.39 16.23 -13.36
N LYS A 37 -6.42 16.64 -12.61
CA LYS A 37 -6.84 18.02 -12.68
C LYS A 37 -5.79 18.97 -12.16
N GLY A 38 -4.83 18.48 -11.36
CA GLY A 38 -3.70 19.30 -10.97
C GLY A 38 -3.82 19.96 -9.61
N GLU A 39 -4.98 19.92 -8.98
CA GLU A 39 -5.15 20.47 -7.65
C GLU A 39 -4.74 19.45 -6.58
N GLU A 40 -4.29 19.95 -5.44
CA GLU A 40 -4.06 19.08 -4.29
C GLU A 40 -5.34 18.36 -3.88
N LEU A 41 -5.17 17.24 -3.18
CA LEU A 41 -6.28 16.43 -2.70
C LEU A 41 -6.48 16.68 -1.22
N SER A 42 -7.75 16.77 -0.84
CA SER A 42 -8.10 16.83 0.56
C SER A 42 -7.91 15.48 1.25
N GLU A 44 -10.16 13.48 2.64
CA GLU A 44 -11.15 12.52 2.14
C GLU A 44 -10.77 12.03 0.74
N GLU A 45 -10.30 12.94 -0.10
CA GLU A 45 -9.96 12.57 -1.48
C GLU A 45 -8.74 11.66 -1.51
N ARG A 46 -7.76 11.93 -0.64
CA ARG A 46 -6.61 11.02 -0.56
C ARG A 46 -7.06 9.63 -0.16
N ASN A 47 -7.97 9.52 0.82
CA ASN A 47 -8.46 8.22 1.21
C ASN A 47 -9.19 7.52 0.06
N LEU A 48 -9.95 8.27 -0.76
CA LEU A 48 -10.63 7.65 -1.89
C LEU A 48 -9.61 7.09 -2.88
N LEU A 49 -8.56 7.85 -3.16
CA LEU A 49 -7.50 7.40 -4.05
C LEU A 49 -6.89 6.10 -3.53
N SER A 50 -6.57 6.09 -2.24
CA SER A 50 -5.92 4.93 -1.64
C SER A 50 -6.83 3.69 -1.65
N VAL A 51 -8.09 3.87 -1.25
CA VAL A 51 -9.03 2.75 -1.24
C VAL A 51 -9.17 2.17 -2.65
N ALA A 52 -9.30 3.03 -3.66
CA ALA A 52 -9.53 2.55 -5.02
C ALA A 52 -8.38 1.67 -5.48
N TYR A 53 -7.16 2.20 -5.43
CA TYR A 53 -6.02 1.45 -5.93
C TYR A 53 -5.68 0.26 -5.05
N LYS A 54 -5.91 0.34 -3.73
CA LYS A 54 -5.59 -0.80 -2.88
C LYS A 54 -6.47 -1.98 -3.24
N ASN A 55 -7.72 -1.72 -3.58
CA ASN A 55 -8.64 -2.80 -3.95
C ASN A 55 -8.31 -3.34 -5.33
N VAL A 56 -7.97 -2.49 -6.29
CA VAL A 56 -7.57 -2.99 -7.61
C VAL A 56 -6.33 -3.87 -7.49
N VAL A 57 -5.26 -3.33 -6.89
CA VAL A 57 -4.01 -4.09 -6.82
C VAL A 57 -4.19 -5.29 -5.92
N GLY A 58 -5.08 -5.20 -4.92
CA GLY A 58 -5.28 -6.32 -4.03
C GLY A 58 -5.80 -7.54 -4.76
N GLY A 59 -6.76 -7.33 -5.68
CA GLY A 59 -7.24 -8.43 -6.50
C GLY A 59 -6.16 -8.99 -7.41
N GLN A 60 -5.33 -8.12 -7.97
CA GLN A 60 -4.25 -8.57 -8.83
C GLN A 60 -3.24 -9.38 -8.04
N ARG A 61 -2.89 -8.90 -6.83
CA ARG A 61 -1.92 -9.63 -6.02
C ARG A 61 -2.45 -10.99 -5.65
N ALA A 62 -3.73 -11.09 -5.27
CA ALA A 62 -4.28 -12.38 -4.89
C ALA A 62 -4.25 -13.31 -6.08
N ALA A 63 -4.59 -12.82 -7.27
CA ALA A 63 -4.58 -13.67 -8.44
C ALA A 63 -3.17 -14.11 -8.79
N TRP A 64 -2.22 -13.18 -8.74
CA TRP A 64 -0.82 -13.50 -8.96
C TRP A 64 -0.36 -14.61 -8.00
N ARG A 65 -0.78 -14.54 -6.75
CA ARG A 65 -0.35 -15.55 -5.79
C ARG A 65 -0.92 -16.93 -6.12
N VAL A 66 -2.18 -16.98 -6.54
CA VAL A 66 -2.77 -18.25 -6.96
C VAL A 66 -1.98 -18.83 -8.13
N LEU A 67 -1.69 -18.00 -9.13
CA LEU A 67 -1.03 -18.48 -10.33
C LEU A 67 0.42 -18.83 -10.07
N SER A 68 1.11 -18.04 -9.25
CA SER A 68 2.50 -18.37 -8.90
C SER A 68 2.57 -19.71 -8.19
N SER A 69 1.62 -19.99 -7.30
CA SER A 69 1.62 -21.26 -6.58
C SER A 69 1.44 -22.43 -7.54
N ILE A 70 0.51 -22.29 -8.49
CA ILE A 70 0.31 -23.33 -9.49
C ILE A 70 1.57 -23.52 -10.31
N GLU A 71 2.22 -22.42 -10.67
CA GLU A 71 3.42 -22.49 -11.50
C GLU A 71 4.55 -23.19 -10.75
N GLN A 72 4.70 -22.86 -9.46
CA GLN A 72 5.72 -23.51 -8.64
C GLN A 72 5.47 -25.01 -8.55
N LYS A 73 4.22 -25.42 -8.34
CA LYS A 73 3.90 -26.84 -8.27
C LYS A 73 4.20 -27.53 -9.59
N SER A 74 3.96 -26.84 -10.71
CA SER A 74 4.25 -27.42 -12.02
C SER A 74 5.74 -27.59 -12.26
N ASN A 75 6.59 -26.90 -11.48
CA ASN A 75 8.03 -27.00 -11.62
C ASN A 75 8.66 -27.86 -10.53
N GLU A 76 7.87 -28.71 -9.86
CA GLU A 76 8.40 -29.66 -8.91
C GLU A 76 8.72 -30.98 -9.60
N GLU A 77 9.74 -31.66 -9.10
CA GLU A 77 10.11 -32.97 -9.64
C GLU A 77 8.92 -33.93 -9.53
N GLY A 78 8.62 -34.61 -10.64
CA GLY A 78 7.49 -35.50 -10.71
C GLY A 78 6.25 -34.89 -11.30
N SER A 79 6.27 -33.58 -11.58
CA SER A 79 5.12 -32.90 -12.16
C SER A 79 5.07 -33.16 -13.66
N GLU A 80 3.89 -33.48 -14.17
CA GLU A 80 3.75 -33.70 -15.59
C GLU A 80 3.97 -32.39 -16.34
N GLU A 81 4.80 -32.44 -17.38
CA GLU A 81 5.12 -31.25 -18.16
C GLU A 81 3.88 -30.67 -18.81
N LYS A 82 3.30 -29.63 -18.21
CA LYS A 82 2.34 -28.83 -18.93
C LYS A 82 3.08 -27.87 -19.85
N GLY A 83 2.34 -27.23 -20.73
CA GLY A 83 2.94 -26.31 -21.66
C GLY A 83 3.28 -24.99 -21.00
N PRO A 84 3.40 -23.94 -21.81
CA PRO A 84 3.77 -22.62 -21.29
C PRO A 84 2.63 -21.83 -20.68
N GLU A 85 1.42 -22.41 -20.57
CA GLU A 85 0.23 -21.60 -20.32
C GLU A 85 0.22 -20.98 -18.92
N VAL A 86 0.63 -21.73 -17.90
CA VAL A 86 0.59 -21.20 -16.53
C VAL A 86 1.55 -20.03 -16.40
N ARG A 87 2.78 -20.20 -16.89
CA ARG A 87 3.75 -19.11 -16.89
C ARG A 87 3.24 -17.92 -17.70
N GLU A 88 2.71 -18.18 -18.90
CA GLU A 88 2.23 -17.09 -19.74
C GLU A 88 1.16 -16.28 -19.02
N TYR A 89 0.22 -16.97 -18.38
CA TYR A 89 -0.89 -16.27 -17.75
C TYR A 89 -0.44 -15.57 -16.48
N ARG A 90 0.44 -16.20 -15.69
CA ARG A 90 1.03 -15.51 -14.55
C ARG A 90 1.75 -14.23 -15.00
N GLU A 91 2.49 -14.31 -16.10
CA GLU A 91 3.16 -13.14 -16.66
C GLU A 91 2.17 -12.07 -17.07
N LYS A 92 1.02 -12.47 -17.63
CA LYS A 92 0.01 -11.49 -18.04
C LYS A 92 -0.51 -10.72 -16.83
N VAL A 93 -0.92 -11.46 -15.80
CA VAL A 93 -1.40 -10.82 -14.58
C VAL A 93 -0.30 -9.95 -13.97
N GLU A 94 0.94 -10.46 -13.95
CA GLU A 94 2.05 -9.73 -13.37
C GLU A 94 2.26 -8.39 -14.09
N THR A 95 2.17 -8.42 -15.41
CA THR A 95 2.38 -7.20 -16.19
C THR A 95 1.26 -6.19 -15.89
N GLU A 96 0.03 -6.67 -15.72
N GLU A 96 0.03 -6.68 -15.77
CA GLU A 96 -1.08 -5.76 -15.43
CA GLU A 96 -1.10 -5.81 -15.42
C GLU A 96 -0.97 -5.18 -14.02
C GLU A 96 -0.87 -5.18 -14.06
N LEU A 97 -0.48 -5.99 -13.07
CA LEU A 97 -0.21 -5.48 -11.73
C LEU A 97 0.88 -4.42 -11.76
N GLN A 98 1.98 -4.71 -12.46
CA GLN A 98 3.07 -3.75 -12.57
C GLN A 98 2.57 -2.46 -13.20
N GLY A 99 1.66 -2.56 -14.16
CA GLY A 99 1.13 -1.35 -14.78
C GLY A 99 0.33 -0.51 -13.81
N VAL A 100 -0.47 -1.15 -12.96
CA VAL A 100 -1.22 -0.41 -11.94
C VAL A 100 -0.25 0.26 -10.96
N CYS A 101 0.78 -0.47 -10.52
CA CYS A 101 1.74 0.16 -9.61
C CYS A 101 2.43 1.34 -10.26
N ASP A 102 2.84 1.19 -11.51
CA ASP A 102 3.49 2.27 -12.22
C ASP A 102 2.55 3.48 -12.37
N THR A 103 1.26 3.22 -12.58
CA THR A 103 0.29 4.32 -12.68
C THR A 103 0.24 5.10 -11.37
N VAL A 104 0.11 4.39 -10.25
CA VAL A 104 0.05 5.06 -8.95
C VAL A 104 1.35 5.83 -8.70
N LEU A 105 2.50 5.17 -8.89
CA LEU A 105 3.77 5.84 -8.68
C LEU A 105 3.89 7.07 -9.58
N GLY A 106 3.33 6.99 -10.78
CA GLY A 106 3.35 8.14 -11.66
C GLY A 106 2.54 9.31 -11.15
N LEU A 107 1.37 9.04 -10.57
CA LEU A 107 0.58 10.11 -9.99
C LEU A 107 1.32 10.74 -8.82
N LEU A 108 1.98 9.90 -8.01
CA LEU A 108 2.71 10.44 -6.87
C LEU A 108 3.87 11.32 -7.33
N ASP A 109 4.55 10.92 -8.42
CA ASP A 109 5.69 11.70 -8.90
C ASP A 109 5.27 12.89 -9.74
N SER A 110 4.05 12.90 -10.25
CA SER A 110 3.59 13.96 -11.17
C SER A 110 2.14 14.32 -10.82
N HIS A 111 1.91 15.11 -9.76
CA HIS A 111 2.93 15.80 -8.96
C HIS A 111 2.51 15.84 -7.50
N LEU A 112 1.87 14.77 -7.04
CA LEU A 112 1.29 14.81 -5.70
C LEU A 112 2.33 15.05 -4.59
N ILE A 113 3.45 14.34 -4.62
CA ILE A 113 4.39 14.43 -3.52
C ILE A 113 5.02 15.82 -3.46
N LYS A 114 5.45 16.34 -4.61
CA LYS A 114 6.16 17.61 -4.57
C LYS A 114 5.29 18.76 -4.09
N GLU A 115 3.97 18.69 -4.23
N GLU A 115 3.98 18.67 -4.25
CA GLU A 115 3.13 19.77 -3.73
CA GLU A 115 3.07 19.72 -3.78
C GLU A 115 2.60 19.52 -2.33
C GLU A 115 2.61 19.52 -2.34
N ALA A 116 2.95 18.39 -1.71
CA ALA A 116 2.43 18.03 -0.40
C ALA A 116 3.37 18.55 0.69
N GLY A 117 2.94 19.60 1.38
CA GLY A 117 3.74 20.23 2.42
C GLY A 117 3.30 19.92 3.85
N ASP A 118 2.03 19.63 4.07
CA ASP A 118 1.60 19.30 5.41
C ASP A 118 1.98 17.86 5.73
N ALA A 119 2.26 17.59 7.01
CA ALA A 119 2.69 16.25 7.40
C ALA A 119 1.68 15.18 6.99
N GLU A 120 0.38 15.43 7.19
CA GLU A 120 -0.61 14.40 6.92
C GLU A 120 -0.61 14.01 5.45
N SER A 121 -0.46 14.98 4.55
CA SER A 121 -0.48 14.63 3.14
C SER A 121 0.85 14.02 2.71
N ARG A 122 1.96 14.61 3.14
CA ARG A 122 3.26 14.12 2.67
C ARG A 122 3.54 12.72 3.17
N VAL A 123 3.24 12.44 4.45
CA VAL A 123 3.40 11.09 4.98
C VAL A 123 2.49 10.11 4.25
N PHE A 124 1.22 10.49 4.01
CA PHE A 124 0.29 9.63 3.29
C PHE A 124 0.86 9.23 1.93
N TYR A 125 1.37 10.21 1.16
CA TYR A 125 1.83 9.91 -0.19
C TYR A 125 3.12 9.11 -0.17
N LEU A 126 4.02 9.40 0.77
CA LEU A 126 5.25 8.62 0.85
C LEU A 126 4.97 7.18 1.29
N LYS A 127 4.04 6.99 2.22
CA LYS A 127 3.57 5.64 2.53
C LYS A 127 3.07 4.93 1.28
N MET A 128 2.24 5.61 0.49
CA MET A 128 1.73 5.01 -0.74
C MET A 128 2.87 4.63 -1.67
N LYS A 129 3.85 5.52 -1.80
CA LYS A 129 5.02 5.21 -2.64
C LYS A 129 5.72 3.95 -2.15
N GLY A 130 5.94 3.85 -0.84
CA GLY A 130 6.55 2.64 -0.30
C GLY A 130 5.71 1.41 -0.57
N ASP A 131 4.40 1.53 -0.40
CA ASP A 131 3.50 0.41 -0.61
C ASP A 131 3.56 -0.09 -2.05
N TYR A 132 3.53 0.82 -3.03
CA TYR A 132 3.46 0.35 -4.42
C TYR A 132 4.81 -0.17 -4.91
N TYR A 133 5.92 0.38 -4.40
CA TYR A 133 7.20 -0.27 -4.65
C TYR A 133 7.25 -1.64 -3.97
N ARG A 134 6.65 -1.76 -2.79
CA ARG A 134 6.59 -3.06 -2.13
C ARG A 134 5.84 -4.08 -2.98
N TYR A 135 4.72 -3.68 -3.59
CA TYR A 135 3.98 -4.59 -4.47
C TYR A 135 4.81 -4.96 -5.71
N LEU A 136 5.54 -4.01 -6.27
CA LEU A 136 6.49 -4.35 -7.34
C LEU A 136 7.53 -5.33 -6.84
N ALA A 137 8.02 -5.14 -5.63
CA ALA A 137 9.05 -6.04 -5.11
C ALA A 137 8.54 -7.46 -4.94
N GLU A 138 7.26 -7.63 -4.60
CA GLU A 138 6.69 -8.96 -4.38
C GLU A 138 6.81 -9.83 -5.63
N VAL A 139 6.82 -9.22 -6.82
CA VAL A 139 6.86 -9.96 -8.08
C VAL A 139 8.20 -9.82 -8.80
N ALA A 140 9.14 -9.04 -8.26
CA ALA A 140 10.39 -8.79 -8.94
C ALA A 140 11.34 -9.96 -8.77
N THR A 141 12.08 -10.27 -9.86
CA THR A 141 13.05 -11.35 -9.87
C THR A 141 14.33 -11.03 -10.63
N GLY A 142 14.42 -9.88 -11.29
CA GLY A 142 15.51 -9.58 -12.22
C GLY A 142 16.59 -8.70 -11.65
N ASP A 143 17.28 -7.98 -12.55
CA ASP A 143 18.42 -7.14 -12.16
C ASP A 143 18.01 -6.01 -11.21
N ASP A 144 16.76 -5.56 -11.27
CA ASP A 144 16.34 -4.39 -10.53
C ASP A 144 15.63 -4.71 -9.22
N LYS A 145 15.55 -5.97 -8.83
CA LYS A 145 14.89 -6.32 -7.57
C LYS A 145 15.47 -5.52 -6.40
N LYS A 146 16.80 -5.44 -6.34
CA LYS A 146 17.39 -4.72 -5.21
C LYS A 146 17.04 -3.25 -5.25
N ARG A 147 17.01 -2.65 -6.44
CA ARG A 147 16.72 -1.22 -6.53
C ARG A 147 15.25 -0.95 -6.22
N ILE A 148 14.35 -1.88 -6.58
CA ILE A 148 12.93 -1.72 -6.24
C ILE A 148 12.76 -1.77 -4.73
N ILE A 149 13.42 -2.74 -4.08
CA ILE A 149 13.37 -2.86 -2.64
C ILE A 149 13.90 -1.60 -1.98
N ASP A 150 15.02 -1.07 -2.48
CA ASP A 150 15.56 0.13 -1.87
C ASP A 150 14.65 1.33 -2.07
N SER A 151 13.96 1.41 -3.21
CA SER A 151 12.99 2.48 -3.42
C SER A 151 11.85 2.41 -2.41
N ALA A 152 11.32 1.20 -2.16
CA ALA A 152 10.32 1.07 -1.11
C ALA A 152 10.86 1.51 0.24
N ARG A 153 12.04 1.01 0.61
N ARG A 153 12.04 1.01 0.62
CA ARG A 153 12.65 1.34 1.90
CA ARG A 153 12.63 1.35 1.90
C ARG A 153 12.82 2.85 2.04
C ARG A 153 12.83 2.85 2.04
N SER A 154 13.34 3.50 1.00
CA SER A 154 13.63 4.92 1.06
C SER A 154 12.36 5.73 1.26
N ALA A 155 11.29 5.36 0.58
CA ALA A 155 10.03 6.07 0.73
C ALA A 155 9.45 5.89 2.13
N TYR A 156 9.43 4.65 2.61
CA TYR A 156 8.94 4.38 3.96
C TYR A 156 9.77 5.13 4.99
N GLN A 157 11.10 5.17 4.80
CA GLN A 157 11.98 5.81 5.77
C GLN A 157 11.73 7.31 5.83
N GLU A 158 11.58 7.97 4.68
CA GLU A 158 11.28 9.40 4.71
C GLU A 158 9.93 9.66 5.39
N ALA A 159 8.94 8.81 5.10
CA ALA A 159 7.64 8.94 5.74
C ALA A 159 7.74 8.74 7.26
N MET A 160 8.52 7.75 7.70
CA MET A 160 8.73 7.52 9.13
C MET A 160 9.37 8.73 9.78
N ASP A 161 10.43 9.26 9.15
CA ASP A 161 11.14 10.39 9.76
C ASP A 161 10.19 11.57 9.95
N ILE A 162 9.36 11.87 8.96
CA ILE A 162 8.42 12.99 9.09
C ILE A 162 7.39 12.69 10.17
N SER A 163 6.86 11.46 10.17
CA SER A 163 5.77 11.12 11.07
C SER A 163 6.23 11.19 12.52
N LYS A 164 7.46 10.80 12.79
CA LYS A 164 7.97 10.85 14.15
C LYS A 164 8.16 12.28 14.61
N LYS A 165 8.54 13.19 13.72
CA LYS A 165 8.70 14.59 14.09
C LYS A 165 7.39 15.35 14.21
N GLU A 166 6.41 15.03 13.36
CA GLU A 166 5.26 15.90 13.15
C GLU A 166 3.92 15.33 13.61
N MET A 167 3.83 14.07 14.01
CA MET A 167 2.56 13.44 14.35
C MET A 167 2.64 12.74 15.69
N PRO A 168 1.55 12.68 16.44
CA PRO A 168 1.57 11.91 17.69
C PRO A 168 1.62 10.42 17.40
N PRO A 169 2.10 9.63 18.36
CA PRO A 169 2.26 8.20 18.12
C PRO A 169 0.96 7.46 17.85
N THR A 170 -0.20 8.04 18.14
CA THR A 170 -1.48 7.40 17.86
C THR A 170 -2.08 7.81 16.52
N ASN A 171 -1.45 8.72 15.80
CA ASN A 171 -2.04 9.18 14.56
C ASN A 171 -2.27 7.99 13.63
N PRO A 172 -3.48 7.76 13.13
CA PRO A 172 -3.72 6.57 12.28
C PRO A 172 -2.81 6.45 11.06
N ILE A 173 -2.43 7.55 10.41
CA ILE A 173 -1.54 7.44 9.27
C ILE A 173 -0.18 6.95 9.73
N ARG A 174 0.31 7.53 10.82
CA ARG A 174 1.58 7.10 11.38
C ARG A 174 1.54 5.62 11.74
N LEU A 175 0.45 5.16 12.34
CA LEU A 175 0.34 3.76 12.73
C LEU A 175 0.29 2.85 11.51
N GLY A 176 -0.49 3.21 10.50
CA GLY A 176 -0.58 2.38 9.32
C GLY A 176 0.71 2.35 8.53
N LEU A 177 1.44 3.46 8.52
CA LEU A 177 2.76 3.48 7.91
C LEU A 177 3.70 2.50 8.62
N ALA A 178 3.73 2.58 9.94
CA ALA A 178 4.62 1.70 10.71
C ALA A 178 4.24 0.25 10.51
N LEU A 179 2.93 -0.05 10.55
CA LEU A 179 2.46 -1.39 10.25
C LEU A 179 3.01 -1.89 8.92
N ASN A 180 2.87 -1.08 7.88
CA ASN A 180 3.29 -1.53 6.54
C ASN A 180 4.80 -1.60 6.39
N PHE A 181 5.55 -0.66 7.01
CA PHE A 181 7.01 -0.73 6.99
C PHE A 181 7.48 -1.99 7.71
N SER A 182 6.79 -2.36 8.81
N SER A 182 6.78 -2.36 8.79
CA SER A 182 7.13 -3.62 9.48
CA SER A 182 7.12 -3.59 9.49
C SER A 182 6.88 -4.81 8.57
C SER A 182 6.85 -4.83 8.62
N VAL A 183 5.77 -4.82 7.85
CA VAL A 183 5.53 -5.90 6.89
C VAL A 183 6.61 -5.92 5.81
N PHE A 184 7.00 -4.74 5.30
CA PHE A 184 8.11 -4.67 4.36
C PHE A 184 9.34 -5.37 4.94
N HIS A 185 9.68 -5.07 6.20
CA HIS A 185 10.88 -5.67 6.77
C HIS A 185 10.75 -7.19 6.82
N TYR A 186 9.57 -7.69 7.20
CA TYR A 186 9.40 -9.12 7.42
C TYR A 186 9.34 -9.87 6.09
N GLU A 187 8.54 -9.37 5.16
CA GLU A 187 8.22 -10.12 3.94
C GLU A 187 9.14 -9.79 2.77
N ILE A 188 9.71 -8.61 2.72
CA ILE A 188 10.50 -8.16 1.56
C ILE A 188 11.99 -8.11 1.86
N ALA A 189 12.38 -7.49 2.98
CA ALA A 189 13.78 -7.23 3.30
C ALA A 189 14.44 -8.35 4.09
N ASN A 190 13.74 -9.44 4.35
CA ASN A 190 14.31 -10.57 5.08
C ASN A 190 14.87 -10.11 6.42
N SER A 191 14.14 -9.21 7.08
CA SER A 191 14.55 -8.62 8.36
C SER A 191 13.48 -8.81 9.41
N PRO A 192 13.18 -10.06 9.79
CA PRO A 192 12.09 -10.28 10.76
C PRO A 192 12.34 -9.62 12.11
N GLU A 193 13.57 -9.55 12.58
CA GLU A 193 13.81 -8.88 13.86
C GLU A 193 13.48 -7.40 13.80
N GLU A 194 13.83 -6.74 12.69
CA GLU A 194 13.48 -5.33 12.53
C GLU A 194 11.97 -5.15 12.48
N ALA A 195 11.30 -6.07 11.77
CA ALA A 195 9.84 -6.03 11.69
C ALA A 195 9.19 -6.12 13.06
N ILE A 196 9.66 -7.06 13.88
CA ILE A 196 9.10 -7.26 15.22
C ILE A 196 9.40 -6.07 16.13
N SER A 197 10.65 -5.58 16.09
N SER A 197 10.64 -5.58 16.10
CA SER A 197 11.03 -4.44 16.91
CA SER A 197 11.01 -4.42 16.91
C SER A 197 10.20 -3.20 16.55
C SER A 197 10.17 -3.21 16.55
N LEU A 198 10.02 -2.94 15.25
CA LEU A 198 9.21 -1.80 14.84
C LEU A 198 7.77 -1.95 15.29
N ALA A 199 7.18 -3.14 15.11
CA ALA A 199 5.78 -3.30 15.51
C ALA A 199 5.61 -3.11 17.01
N LYS A 200 6.52 -3.67 17.80
CA LYS A 200 6.44 -3.58 19.25
C LYS A 200 6.60 -2.13 19.72
N THR A 201 7.64 -1.45 19.25
N THR A 201 7.62 -1.42 19.24
CA THR A 201 7.85 -0.07 19.67
CA THR A 201 7.83 -0.06 19.70
C THR A 201 6.67 0.82 19.27
C THR A 201 6.71 0.86 19.25
N THR A 202 6.17 0.64 18.04
CA THR A 202 5.04 1.43 17.59
C THR A 202 3.83 1.19 18.49
N PHE A 203 3.53 -0.08 18.77
CA PHE A 203 2.39 -0.39 19.63
C PHE A 203 2.55 0.23 21.00
N ASP A 204 3.71 0.07 21.61
CA ASP A 204 3.90 0.56 22.98
C ASP A 204 3.83 2.07 23.05
N GLU A 205 4.41 2.78 22.08
CA GLU A 205 4.35 4.23 22.12
C GLU A 205 2.94 4.72 21.87
N ALA A 206 2.16 4.01 21.07
CA ALA A 206 0.78 4.41 20.89
C ALA A 206 -0.02 4.17 22.17
N MET A 207 0.18 3.01 22.80
CA MET A 207 -0.54 2.70 24.05
C MET A 207 -0.41 3.85 25.04
N ALA A 208 0.81 4.36 25.21
CA ALA A 208 1.13 5.41 26.17
C ALA A 208 0.51 6.74 25.82
N ASP A 209 -0.03 6.91 24.61
CA ASP A 209 -0.59 8.18 24.17
C ASP A 209 -2.12 8.12 24.05
N LEU A 210 -2.72 6.94 24.25
CA LEU A 210 -4.16 6.82 24.12
C LEU A 210 -4.91 7.72 25.09
N HIS A 211 -4.32 8.03 26.26
CA HIS A 211 -5.01 8.81 27.27
C HIS A 211 -5.36 10.21 26.79
N THR A 212 -4.70 10.68 25.73
CA THR A 212 -4.92 12.03 25.23
C THR A 212 -6.11 12.12 24.29
N LEU A 213 -6.70 10.99 23.90
CA LEU A 213 -7.63 10.94 22.78
C LEU A 213 -9.08 10.94 23.22
N SER A 214 -9.91 11.45 22.32
CA SER A 214 -11.34 11.30 22.44
C SER A 214 -11.75 9.85 22.18
N GLU A 215 -13.02 9.54 22.49
CA GLU A 215 -13.53 8.19 22.27
C GLU A 215 -13.42 7.78 20.81
N ASP A 216 -13.74 8.70 19.89
CA ASP A 216 -13.70 8.36 18.48
C ASP A 216 -12.26 8.17 18.00
N SER A 217 -11.33 9.04 18.44
CA SER A 217 -9.94 8.87 18.02
C SER A 217 -9.36 7.59 18.64
N TYR A 218 -9.72 7.31 19.88
CA TYR A 218 -9.29 6.07 20.52
C TYR A 218 -9.70 4.85 19.71
N LYS A 219 -10.94 4.86 19.19
CA LYS A 219 -11.41 3.75 18.36
C LYS A 219 -10.56 3.63 17.09
N ASP A 220 -10.29 4.76 16.43
CA ASP A 220 -9.50 4.73 15.20
C ASP A 220 -8.11 4.16 15.46
N SER A 221 -7.45 4.64 16.52
CA SER A 221 -6.06 4.23 16.78
C SER A 221 -5.97 2.79 17.26
N THR A 222 -6.88 2.37 18.16
CA THR A 222 -6.79 1.01 18.66
C THR A 222 -7.09 -0.02 17.57
N LEU A 223 -7.88 0.34 16.55
CA LEU A 223 -8.12 -0.60 15.45
C LEU A 223 -6.81 -0.98 14.75
N ILE A 224 -5.96 0.01 14.48
CA ILE A 224 -4.70 -0.26 13.80
C ILE A 224 -3.70 -0.89 14.73
N MET A 225 -3.73 -0.50 16.01
CA MET A 225 -2.87 -1.15 16.99
C MET A 225 -3.15 -2.64 17.04
N GLN A 226 -4.41 -3.04 16.88
CA GLN A 226 -4.72 -4.46 16.90
C GLN A 226 -4.08 -5.19 15.74
N LEU A 227 -3.96 -4.53 14.58
CA LEU A 227 -3.26 -5.14 13.46
C LEU A 227 -1.76 -5.35 13.77
N LEU A 228 -1.13 -4.39 14.45
CA LEU A 228 0.24 -4.58 14.91
C LEU A 228 0.33 -5.79 15.83
N ARG A 229 -0.63 -5.90 16.77
CA ARG A 229 -0.63 -7.02 17.69
C ARG A 229 -0.85 -8.33 16.94
N ASP A 230 -1.74 -8.32 15.94
CA ASP A 230 -1.99 -9.54 15.18
C ASP A 230 -0.73 -10.02 14.50
N ASN A 231 0.04 -9.08 13.92
CA ASN A 231 1.29 -9.48 13.28
C ASN A 231 2.30 -9.99 14.30
N LEU A 232 2.42 -9.31 15.44
CA LEU A 232 3.34 -9.79 16.45
C LEU A 232 2.98 -11.20 16.91
N THR A 233 1.68 -11.50 17.00
CA THR A 233 1.26 -12.85 17.38
C THR A 233 1.59 -13.87 16.30
N LEU A 234 1.49 -13.48 15.03
CA LEU A 234 1.87 -14.36 13.94
C LEU A 234 3.38 -14.60 13.92
N TRP A 235 4.17 -13.61 14.33
CA TRP A 235 5.61 -13.64 14.12
C TRP A 235 6.41 -14.12 15.34
N THR A 236 5.76 -14.28 16.48
CA THR A 236 6.45 -14.63 17.72
C THR A 236 5.78 -15.83 18.38
N ARG B 8 0.22 -17.88 7.69
CA ARG B 8 -0.67 -16.90 7.07
C ARG B 8 0.13 -15.67 6.62
N ARG B 9 -0.50 -14.85 5.76
CA ARG B 9 0.11 -13.59 5.35
C ARG B 9 -0.19 -12.52 6.40
N PRO B 10 0.75 -11.61 6.66
CA PRO B 10 0.54 -10.60 7.69
C PRO B 10 -0.42 -9.51 7.23
N SER B 11 -0.94 -8.79 8.23
CA SER B 11 -1.89 -7.71 7.98
C SER B 11 -1.18 -6.41 7.62
N TRP B 13 -2.16 -2.14 6.08
CA TRP B 13 -3.22 -1.13 6.13
C TRP B 13 -3.11 -0.22 4.89
N ARG B 14 -4.21 0.10 4.23
CA ARG B 14 -5.56 -0.30 4.61
C ARG B 14 -5.84 -1.72 4.15
N GLN B 15 -6.85 -2.34 4.75
CA GLN B 15 -7.24 -3.69 4.43
C GLN B 15 -8.18 -3.70 3.22
N GLU B 16 -8.25 -4.85 2.56
CA GLU B 16 -9.11 -5.01 1.38
C GLU B 16 -8.70 -4.02 0.30
#